data_6QSY
#
_entry.id   6QSY
#
_cell.length_a   57.260
_cell.length_b   57.260
_cell.length_c   174.820
_cell.angle_alpha   90.000
_cell.angle_beta   90.000
_cell.angle_gamma   90.000
#
_symmetry.space_group_name_H-M   'I 41 2 2'
#
loop_
_entity.id
_entity.type
_entity.pdbx_description
1 polymer Streptavidin
2 polymer 'Strep-tag II peptide'
3 non-polymer 'TRIETHYLENE GLYCOL'
4 non-polymer 2-AMINO-2-HYDROXYMETHYL-PROPANE-1,3-DIOL
5 water water
#
loop_
_entity_poly.entity_id
_entity_poly.type
_entity_poly.pdbx_seq_one_letter_code
_entity_poly.pdbx_strand_id
1 'polypeptide(L)'
;MEAGITGTWYNQLGSTFIVTAGADGALTGTYVTARGNAESRYVLTGRYDSAPATDGSGTALGWTVAWKNNYRNAHSATTW
SGQYVGGAEARINTQWLLTSGTTEHWYSTLVGHDTFTKVKPSAAS
;
A
2 'polypeptide(L)' (BE2)SAWSHPQFEK(NH2) P
#
loop_
_chem_comp.id
_chem_comp.type
_chem_comp.name
_chem_comp.formula
NH2 non-polymer 'AMINO GROUP' 'H2 N'
PGE non-polymer 'TRIETHYLENE GLYCOL' 'C6 H14 O4'
TRS non-polymer 2-AMINO-2-HYDROXYMETHYL-PROPANE-1,3-DIOL 'C4 H12 N O3 1'
#
# COMPACT_ATOMS: atom_id res chain seq x y z
N ALA A 3 9.55 11.51 -10.09
CA ALA A 3 8.44 11.37 -9.09
C ALA A 3 8.91 11.08 -7.65
N GLY A 4 10.02 10.33 -7.47
CA GLY A 4 10.54 9.98 -6.13
C GLY A 4 9.83 8.78 -5.50
N ILE A 5 8.83 8.28 -6.20
CA ILE A 5 7.98 7.21 -5.65
C ILE A 5 8.55 5.83 -5.92
N THR A 6 9.12 5.59 -7.09
CA THR A 6 9.63 4.28 -7.45
C THR A 6 10.61 3.81 -6.40
N GLY A 7 10.45 2.56 -5.95
CA GLY A 7 11.36 1.93 -5.01
C GLY A 7 10.64 1.23 -3.89
N THR A 8 11.31 1.10 -2.78
CA THR A 8 10.83 0.30 -1.66
C THR A 8 10.49 1.20 -0.50
N TRP A 9 9.38 0.87 0.14
CA TRP A 9 8.82 1.65 1.22
C TRP A 9 8.42 0.72 2.35
N TYR A 10 8.54 1.20 3.59
CA TYR A 10 8.27 0.41 4.77
C TYR A 10 7.26 1.11 5.67
N ASN A 11 6.24 0.36 6.16
CA ASN A 11 5.29 0.97 7.09
C ASN A 11 5.83 0.78 8.48
N GLN A 12 5.08 1.23 9.48
CA GLN A 12 5.65 1.21 10.81
C GLN A 12 5.36 -0.14 11.50
N LEU A 13 4.76 -1.09 10.77
CA LEU A 13 4.43 -2.41 11.33
C LEU A 13 5.28 -3.53 10.79
N GLY A 14 6.26 -3.24 9.95
CA GLY A 14 7.07 -4.32 9.39
C GLY A 14 6.69 -4.75 7.98
N SER A 15 5.67 -4.15 7.36
CA SER A 15 5.34 -4.48 5.95
C SER A 15 6.16 -3.65 4.98
N THR A 16 6.25 -4.13 3.76
CA THR A 16 7.05 -3.51 2.71
C THR A 16 6.25 -3.38 1.43
N PHE A 17 6.40 -2.30 0.71
N PHE A 17 6.51 -2.28 0.68
CA PHE A 17 6.06 -2.54 -0.65
CA PHE A 17 5.76 -1.78 -0.55
C PHE A 17 7.07 -1.94 -1.53
C PHE A 17 6.79 -1.53 -1.71
N ILE A 18 7.00 -2.46 -2.71
CA ILE A 18 7.96 -2.20 -3.74
C ILE A 18 7.14 -1.79 -4.93
N VAL A 19 7.38 -0.58 -5.44
CA VAL A 19 6.52 -0.04 -6.47
C VAL A 19 7.34 0.61 -7.61
N THR A 20 6.82 0.52 -8.83
CA THR A 20 7.34 1.30 -9.95
C THR A 20 6.28 2.30 -10.35
N ALA A 21 6.69 3.57 -10.44
CA ALA A 21 5.82 4.65 -10.88
C ALA A 21 6.12 4.92 -12.34
N GLY A 22 5.16 4.62 -13.20
CA GLY A 22 5.28 4.83 -14.65
C GLY A 22 5.09 6.27 -15.06
N ALA A 23 5.62 6.62 -16.24
CA ALA A 23 5.60 8.00 -16.70
C ALA A 23 4.17 8.53 -16.91
N ASP A 24 3.29 7.58 -17.23
CA ASP A 24 1.86 7.78 -17.49
C ASP A 24 0.93 7.94 -16.24
N GLY A 25 1.45 7.73 -15.04
CA GLY A 25 0.59 7.69 -13.84
C GLY A 25 0.35 6.31 -13.25
N ALA A 26 0.91 5.27 -13.83
CA ALA A 26 0.66 3.91 -13.34
C ALA A 26 1.52 3.59 -12.14
N LEU A 27 0.97 2.87 -11.17
CA LEU A 27 1.75 2.22 -10.12
C LEU A 27 1.56 0.71 -10.25
N THR A 28 2.68 -0.01 -10.21
CA THR A 28 2.68 -1.48 -10.25
C THR A 28 3.73 -1.96 -9.25
N GLY A 29 3.47 -3.06 -8.57
CA GLY A 29 4.42 -3.57 -7.64
C GLY A 29 3.96 -4.76 -6.84
N THR A 30 4.59 -4.94 -5.70
CA THR A 30 4.34 -6.04 -4.81
C THR A 30 4.26 -5.47 -3.39
N TYR A 31 3.25 -5.90 -2.65
CA TYR A 31 3.12 -5.64 -1.23
C TYR A 31 3.52 -6.90 -0.50
N VAL A 32 4.35 -6.75 0.53
CA VAL A 32 4.86 -7.86 1.31
C VAL A 32 4.52 -7.65 2.79
N THR A 33 3.70 -8.53 3.34
CA THR A 33 3.31 -8.39 4.73
C THR A 33 4.49 -8.75 5.62
N ALA A 34 4.33 -8.52 6.92
CA ALA A 34 5.50 -8.47 7.81
C ALA A 34 6.16 -9.82 8.00
N ARG A 35 5.48 -10.92 7.71
CA ARG A 35 6.19 -12.20 7.77
C ARG A 35 7.25 -12.38 6.71
N GLY A 36 7.16 -11.66 5.59
CA GLY A 36 8.24 -11.58 4.65
C GLY A 36 8.57 -12.83 3.85
N ASN A 37 7.68 -13.81 3.82
CA ASN A 37 7.99 -15.00 3.01
C ASN A 37 7.21 -14.98 1.67
N ALA A 38 7.35 -16.03 0.87
CA ALA A 38 6.64 -16.12 -0.43
C ALA A 38 5.14 -15.92 -0.29
N GLU A 39 4.56 -16.52 0.75
CA GLU A 39 3.13 -16.46 0.93
C GLU A 39 2.70 -15.09 1.39
N SER A 40 3.68 -14.21 1.69
CA SER A 40 3.39 -12.83 2.14
C SER A 40 3.40 -11.77 1.04
N ARG A 41 3.64 -12.20 -0.20
CA ARG A 41 3.76 -11.31 -1.36
CA ARG A 41 3.74 -11.29 -1.32
C ARG A 41 2.47 -11.25 -2.15
N TYR A 42 1.99 -10.03 -2.45
CA TYR A 42 0.75 -9.83 -3.16
C TYR A 42 0.92 -8.78 -4.23
N VAL A 43 0.21 -8.93 -5.34
CA VAL A 43 0.23 -7.92 -6.40
C VAL A 43 -0.37 -6.59 -5.93
N LEU A 44 0.26 -5.48 -6.27
CA LEU A 44 -0.42 -4.21 -6.12
C LEU A 44 -0.47 -3.42 -7.39
N THR A 45 -1.56 -2.68 -7.55
CA THR A 45 -1.69 -1.75 -8.66
CA THR A 45 -1.66 -1.74 -8.66
C THR A 45 -2.38 -0.48 -8.23
N GLY A 46 -2.04 0.63 -8.88
CA GLY A 46 -2.67 1.90 -8.54
C GLY A 46 -2.29 3.00 -9.51
N ARG A 47 -2.48 4.22 -9.07
CA ARG A 47 -2.28 5.41 -9.88
C ARG A 47 -1.69 6.50 -9.03
N TYR A 48 -1.00 7.43 -9.70
CA TYR A 48 -0.51 8.62 -9.02
C TYR A 48 -0.57 9.83 -9.95
N ASP A 49 -0.50 11.02 -9.36
CA ASP A 49 -0.46 12.27 -10.11
C ASP A 49 0.95 12.46 -10.70
N SER A 50 1.07 12.31 -12.01
CA SER A 50 2.40 12.37 -12.62
C SER A 50 2.84 13.81 -12.93
N ALA A 51 2.03 14.81 -12.58
CA ALA A 51 2.42 16.23 -12.69
C ALA A 51 1.93 17.04 -11.49
N PRO A 52 2.49 16.79 -10.30
CA PRO A 52 1.95 17.43 -9.11
C PRO A 52 2.24 18.94 -9.09
N ALA A 53 1.51 19.67 -8.28
CA ALA A 53 1.74 21.12 -8.13
C ALA A 53 3.16 21.35 -7.58
N THR A 54 3.90 22.30 -8.13
CA THR A 54 5.27 22.55 -7.69
C THR A 54 5.29 23.29 -6.34
N ASP A 55 4.19 23.99 -6.08
CA ASP A 55 3.99 24.77 -4.86
C ASP A 55 3.43 23.96 -3.70
N GLY A 56 2.71 22.88 -4.03
CA GLY A 56 1.98 22.11 -3.01
C GLY A 56 2.82 21.20 -2.11
N SER A 57 2.13 20.50 -1.22
CA SER A 57 2.81 19.77 -0.17
C SER A 57 3.36 18.44 -0.69
N GLY A 58 2.65 17.82 -1.65
CA GLY A 58 3.02 16.45 -2.06
C GLY A 58 2.40 15.95 -3.36
N THR A 59 2.41 14.63 -3.56
CA THR A 59 1.96 14.02 -4.81
C THR A 59 0.89 12.99 -4.46
N ALA A 60 -0.32 13.17 -4.97
CA ALA A 60 -1.42 12.29 -4.64
C ALA A 60 -1.24 10.93 -5.30
N LEU A 61 -1.64 9.88 -4.60
CA LEU A 61 -1.54 8.53 -5.15
C LEU A 61 -2.49 7.60 -4.42
N GLY A 62 -2.74 6.43 -5.01
CA GLY A 62 -3.51 5.40 -4.34
C GLY A 62 -3.14 4.04 -4.93
N TRP A 63 -3.38 2.98 -4.18
CA TRP A 63 -3.22 1.62 -4.72
C TRP A 63 -4.10 0.63 -4.01
N THR A 64 -4.28 -0.52 -4.64
CA THR A 64 -5.06 -1.64 -4.15
C THR A 64 -4.21 -2.91 -4.06
N VAL A 65 -4.45 -3.66 -3.00
CA VAL A 65 -4.06 -5.06 -2.90
C VAL A 65 -5.28 -5.89 -2.65
N ALA A 66 -5.54 -6.88 -3.53
CA ALA A 66 -6.48 -7.94 -3.21
C ALA A 66 -5.67 -9.07 -2.53
N TRP A 67 -6.16 -9.52 -1.37
CA TRP A 67 -5.39 -10.41 -0.51
C TRP A 67 -5.52 -11.87 -0.95
N LYS A 68 -5.23 -12.11 -2.21
CA LYS A 68 -5.11 -13.46 -2.76
C LYS A 68 -3.81 -13.54 -3.48
N ASN A 69 -3.07 -14.62 -3.22
CA ASN A 69 -1.91 -14.96 -4.01
C ASN A 69 -2.00 -16.45 -4.27
N ASN A 70 -0.93 -17.05 -4.76
CA ASN A 70 -1.02 -18.46 -5.08
C ASN A 70 -0.95 -19.36 -3.86
N TYR A 71 -0.75 -18.80 -2.67
CA TYR A 71 -0.72 -19.51 -1.39
C TYR A 71 -2.00 -19.39 -0.60
N ARG A 72 -2.60 -18.21 -0.58
CA ARG A 72 -3.72 -18.02 0.29
C ARG A 72 -4.64 -16.92 -0.19
N ASN A 73 -5.83 -16.94 0.40
CA ASN A 73 -6.90 -16.02 0.00
C ASN A 73 -7.66 -15.60 1.23
N ALA A 74 -7.55 -14.31 1.56
CA ALA A 74 -8.28 -13.74 2.68
C ALA A 74 -9.58 -13.01 2.27
N HIS A 75 -9.99 -13.26 1.03
CA HIS A 75 -11.29 -12.78 0.52
C HIS A 75 -11.58 -11.34 0.92
N SER A 76 -10.65 -10.49 0.53
CA SER A 76 -10.66 -9.10 0.95
C SER A 76 -9.70 -8.29 0.11
N ALA A 77 -9.85 -6.97 0.21
CA ALA A 77 -9.02 -6.03 -0.54
C ALA A 77 -8.85 -4.78 0.31
N THR A 78 -7.62 -4.27 0.25
CA THR A 78 -7.28 -3.00 0.89
C THR A 78 -6.90 -1.97 -0.17
N THR A 79 -7.41 -0.75 0.00
CA THR A 79 -6.95 0.39 -0.80
C THR A 79 -6.27 1.39 0.14
N TRP A 80 -5.15 1.91 -0.30
CA TRP A 80 -4.45 3.03 0.39
C TRP A 80 -4.59 4.26 -0.50
N SER A 81 -4.98 5.34 0.11
CA SER A 81 -5.13 6.65 -0.54
C SER A 81 -4.21 7.61 0.24
N GLY A 82 -3.39 8.37 -0.47
CA GLY A 82 -2.44 9.19 0.26
C GLY A 82 -1.64 10.12 -0.58
N GLN A 83 -0.51 10.56 -0.01
CA GLN A 83 0.29 11.64 -0.56
C GLN A 83 1.77 11.30 -0.31
N TYR A 84 2.60 11.30 -1.37
CA TYR A 84 4.06 11.24 -1.25
C TYR A 84 4.61 12.63 -0.99
N VAL A 85 5.52 12.71 -0.03
CA VAL A 85 6.22 13.95 0.30
C VAL A 85 7.69 13.63 0.21
N GLY A 86 8.41 14.39 -0.61
CA GLY A 86 9.83 14.14 -0.81
C GLY A 86 10.70 14.83 0.24
N GLY A 87 12.00 14.83 -0.03
CA GLY A 87 12.96 15.53 0.81
C GLY A 87 13.82 14.51 1.52
N ALA A 88 14.56 14.97 2.53
CA ALA A 88 15.50 14.11 3.25
C ALA A 88 14.80 13.01 4.07
N GLU A 89 13.60 13.31 4.56
CA GLU A 89 12.79 12.33 5.25
C GLU A 89 11.52 12.11 4.43
N ALA A 90 11.69 11.54 3.23
CA ALA A 90 10.55 11.24 2.35
C ALA A 90 9.56 10.33 3.04
N ARG A 91 8.27 10.52 2.77
CA ARG A 91 7.25 9.68 3.38
C ARG A 91 6.10 9.55 2.43
N ILE A 92 5.37 8.46 2.55
CA ILE A 92 4.05 8.38 1.92
C ILE A 92 3.05 8.26 3.07
N ASN A 93 2.24 9.29 3.25
CA ASN A 93 1.22 9.36 4.27
C ASN A 93 -0.08 8.83 3.70
N THR A 94 -0.65 7.82 4.34
CA THR A 94 -1.87 7.19 3.78
C THR A 94 -2.97 6.95 4.81
N GLN A 95 -4.18 6.80 4.29
CA GLN A 95 -5.32 6.22 4.98
C GLN A 95 -5.73 5.03 4.14
N TRP A 96 -6.27 4.01 4.77
CA TRP A 96 -6.63 2.77 4.07
C TRP A 96 -8.00 2.26 4.47
N LEU A 97 -8.60 1.51 3.55
CA LEU A 97 -9.87 0.84 3.72
C LEU A 97 -9.70 -0.61 3.34
N LEU A 98 -9.97 -1.50 4.31
CA LEU A 98 -9.92 -2.97 4.12
C LEU A 98 -11.34 -3.53 4.11
N THR A 99 -11.79 -4.00 2.94
CA THR A 99 -13.13 -4.58 2.80
C THR A 99 -13.08 -6.08 2.67
N SER A 100 -13.89 -6.75 3.48
CA SER A 100 -14.08 -8.20 3.35
C SER A 100 -15.20 -8.50 2.38
N GLY A 101 -14.99 -9.54 1.59
CA GLY A 101 -15.97 -9.93 0.58
C GLY A 101 -17.02 -10.85 1.14
N THR A 102 -16.73 -11.45 2.28
CA THR A 102 -17.48 -12.59 2.70
C THR A 102 -18.67 -12.16 3.58
N THR A 103 -18.48 -11.09 4.34
CA THR A 103 -19.50 -10.62 5.27
C THR A 103 -20.30 -9.48 4.69
N GLU A 104 -21.49 -9.28 5.23
CA GLU A 104 -22.43 -8.30 4.65
C GLU A 104 -21.81 -6.90 4.63
N HIS A 105 -22.11 -6.17 3.56
CA HIS A 105 -21.28 -5.02 3.22
C HIS A 105 -21.29 -3.91 4.28
N TRP A 106 -22.38 -3.73 5.00
CA TRP A 106 -22.46 -2.56 5.86
C TRP A 106 -21.53 -2.60 7.11
N TYR A 107 -21.05 -3.78 7.47
CA TYR A 107 -20.07 -3.91 8.55
C TYR A 107 -18.77 -4.59 8.06
N SER A 108 -18.49 -4.46 6.78
CA SER A 108 -17.43 -5.15 6.09
C SER A 108 -16.10 -4.42 5.99
N THR A 109 -16.02 -3.14 6.40
CA THR A 109 -14.85 -2.32 6.03
C THR A 109 -14.15 -1.71 7.22
N LEU A 110 -12.88 -2.08 7.40
CA LEU A 110 -12.02 -1.47 8.41
C LEU A 110 -11.31 -0.25 7.82
N VAL A 111 -11.03 0.76 8.66
CA VAL A 111 -10.30 1.94 8.25
C VAL A 111 -9.09 2.09 9.16
N GLY A 112 -8.02 2.59 8.58
CA GLY A 112 -6.80 2.84 9.32
C GLY A 112 -5.88 3.76 8.57
N HIS A 113 -4.65 3.80 9.06
CA HIS A 113 -3.62 4.66 8.46
C HIS A 113 -2.27 3.99 8.52
N ASP A 114 -1.43 4.37 7.55
CA ASP A 114 -0.07 3.91 7.47
C ASP A 114 0.81 5.03 7.05
N THR A 115 1.99 5.11 7.67
CA THR A 115 3.02 6.04 7.23
C THR A 115 4.17 5.22 6.70
N PHE A 116 4.49 5.39 5.41
CA PHE A 116 5.58 4.67 4.79
C PHE A 116 6.83 5.57 4.69
N THR A 117 7.98 4.96 5.01
CA THR A 117 9.28 5.64 4.90
C THR A 117 10.24 4.82 4.07
N LYS A 118 11.33 5.46 3.69
CA LYS A 118 12.37 4.78 2.95
C LYS A 118 13.27 3.94 3.84
N VAL A 119 13.28 4.19 5.15
CA VAL A 119 14.07 3.39 6.08
C VAL A 119 13.10 2.62 6.94
N LYS A 120 13.52 1.47 7.44
CA LYS A 120 12.66 0.65 8.30
C LYS A 120 12.47 1.29 9.68
N PRO A 121 11.33 1.01 10.33
CA PRO A 121 11.09 1.48 11.70
C PRO A 121 12.10 0.92 12.71
N ALA B 3 -10.08 -9.57 12.50
CA ALA B 3 -9.02 -9.02 11.61
C ALA B 3 -7.61 -9.15 12.19
N TRP B 4 -7.49 -9.53 13.47
CA TRP B 4 -6.15 -9.68 14.05
C TRP B 4 -5.30 -10.70 13.27
N SER B 5 -5.95 -11.71 12.66
CA SER B 5 -5.26 -12.74 11.86
C SER B 5 -5.17 -12.46 10.34
N HIS B 6 -5.64 -11.31 9.92
CA HIS B 6 -5.54 -10.96 8.52
C HIS B 6 -4.08 -10.68 8.12
N PRO B 7 -3.67 -11.06 6.87
CA PRO B 7 -2.29 -10.87 6.42
C PRO B 7 -1.78 -9.43 6.61
N GLN B 8 -2.63 -8.46 6.39
CA GLN B 8 -2.17 -7.07 6.51
C GLN B 8 -1.56 -6.75 7.85
N PHE B 9 -1.98 -7.43 8.92
CA PHE B 9 -1.60 -7.08 10.29
C PHE B 9 -0.73 -8.14 10.91
N GLU B 10 -0.33 -9.11 10.11
CA GLU B 10 0.41 -10.25 10.69
C GLU B 10 1.74 -9.71 11.19
N LYS B 11 2.22 -10.34 12.26
CA LYS B 11 3.49 -10.00 12.84
C LYS B 11 4.50 -10.97 12.22
N NH2 B 12 5.69 -10.48 11.90
C1 PGE C . 4.33 -10.24 -7.12
O1 PGE C . 3.74 -9.04 -7.64
C2 PGE C . 3.33 -11.36 -7.28
O2 PGE C . 2.83 -11.78 -6.02
C3 PGE C . 2.08 -13.02 -6.09
C4 PGE C . 0.95 -12.98 -7.11
O4 PGE C . -3.24 -13.93 -7.93
C6 PGE C . -1.95 -13.44 -7.54
C5 PGE C . -0.79 -14.16 -8.20
O3 PGE C . 0.31 -14.24 -7.29
C TRS D . 10.10 7.68 -10.79
C1 TRS D . 9.06 8.35 -11.73
C2 TRS D . 11.23 8.60 -10.35
C3 TRS D . 10.83 6.46 -11.37
N TRS D . 9.45 7.44 -9.48
O1 TRS D . 8.90 7.75 -13.03
O2 TRS D . 11.43 8.36 -8.96
O3 TRS D . 10.13 5.37 -12.01
C1 PGE E . -12.89 -6.50 7.10
O1 PGE E . -12.33 -7.78 7.43
C2 PGE E . -13.55 -6.05 8.37
O2 PGE E . -14.59 -6.96 8.73
C3 PGE E . -14.39 -7.65 9.96
C4 PGE E . -15.50 -7.26 10.94
O3 PGE E . -16.76 -7.15 10.25
C1 PGE F . -7.86 -17.06 -10.52
O1 PGE F . -6.91 -16.13 -9.98
C2 PGE F . -8.27 -18.13 -9.51
O2 PGE F . -7.12 -18.66 -8.83
C3 PGE F . -7.15 -20.07 -8.56
C4 PGE F . -8.32 -20.46 -7.65
O3 PGE F . -8.01 -20.20 -6.27
#